data_4YZL
#
_entry.id   4YZL
#
_cell.length_a   42.380
_cell.length_b   74.100
_cell.length_c   112.160
_cell.angle_alpha   90.00
_cell.angle_beta   90.00
_cell.angle_gamma   90.00
#
_symmetry.space_group_name_H-M   'P 21 21 21'
#
loop_
_entity.id
_entity.type
_entity.pdbx_description
1 polymer 'Tryptophan dimethylallyltransferase'
2 non-polymer (2S,5S)-5-(hydroxymethyl)-1-methyl-2-(propan-2-yl)-1,2,4,5,6,8-hexahydro-3H-[1,4]diazonino[7,6,5-cd]indol-3-one
3 non-polymer 'DIMETHYLALLYL S-THIOLODIPHOSPHATE'
4 water water
#
_entity_poly.entity_id   1
_entity_poly.type   'polypeptide(L)'
_entity_poly.pdbx_seq_one_letter_code
;MESAGPGTGPQPPRTSGDFTPDTGVIAEMTGRPMRFDSDRYRPTDTYAEVACDKVCRAYEGLGADGGDRESLLAFLRDLT
DPWGELPVGTPPEDACWVSIDGMPLETSVAWAGRKAGVRLSLESPRGPAKRRMEDGMALTRRLAGRPGVSVDPCLRVEDL
FTDDDPQGYFTIAHAVAWTPGGHPRYKIFLNPAVRGREQAAARTEEAMIRLGLEQPWRALTEHLGGAYGPEHEPAALAMD
LVPGDDFRVQVYLAHSGVSAEAIDAKSAVAADHVPGSFARALRGINGADDTPEWKRKPPVTAFSFGPGRAVPGATLYVPM
IPVHGSDAAARDRVAAFLRSEGMDAVGYEAVLDAISDRSLPESHTQNFISYRGGDSPRFSVYLAPGVYREALEHHHHHH
;
_entity_poly.pdbx_strand_id   A
#
# COMPACT_ATOMS: atom_id res chain seq x y z
N ASP A 18 11.27 4.46 14.99
CA ASP A 18 12.28 3.65 14.32
C ASP A 18 13.20 2.96 15.32
N PHE A 19 12.62 2.49 16.43
CA PHE A 19 13.38 1.65 17.35
C PHE A 19 12.58 0.47 17.95
N THR A 20 11.75 0.72 18.95
CA THR A 20 11.23 -0.36 19.79
C THR A 20 10.11 -1.16 19.14
N PRO A 21 9.95 -2.44 19.54
CA PRO A 21 8.96 -3.32 18.91
C PRO A 21 7.50 -2.90 19.13
N ASP A 22 7.24 -2.01 20.09
CA ASP A 22 5.88 -1.51 20.33
C ASP A 22 5.50 -0.39 19.36
N THR A 23 6.41 -0.05 18.45
CA THR A 23 6.15 0.98 17.45
C THR A 23 6.42 0.47 16.04
N GLY A 24 6.16 1.32 15.05
CA GLY A 24 6.30 0.97 13.65
C GLY A 24 5.16 0.12 13.10
N VAL A 25 5.27 -0.25 11.84
CA VAL A 25 4.32 -1.11 11.14
C VAL A 25 4.26 -2.50 11.77
N ILE A 26 3.13 -3.18 11.60
CA ILE A 26 2.94 -4.51 12.22
C ILE A 26 3.11 -5.67 11.24
N ALA A 27 3.35 -6.86 11.79
CA ALA A 27 3.66 -8.04 10.98
C ALA A 27 2.47 -8.50 10.15
N GLU A 28 1.27 -8.12 10.58
CA GLU A 28 0.04 -8.62 9.97
C GLU A 28 0.07 -10.14 9.96
N MET A 29 0.16 -10.76 8.78
CA MET A 29 0.16 -12.22 8.70
C MET A 29 1.57 -12.84 8.64
N THR A 30 2.59 -12.01 8.43
CA THR A 30 3.95 -12.55 8.34
C THR A 30 4.33 -13.23 9.66
N GLY A 31 5.07 -14.33 9.56
CA GLY A 31 5.54 -15.06 10.73
C GLY A 31 4.50 -15.97 11.37
N ARG A 32 3.29 -15.96 10.82
CA ARG A 32 2.21 -16.76 11.37
C ARG A 32 1.85 -17.85 10.38
N PRO A 33 1.39 -19.01 10.89
CA PRO A 33 0.97 -20.11 10.00
C PRO A 33 -0.43 -19.87 9.43
N MET A 34 -0.63 -20.25 8.18
CA MET A 34 -1.88 -19.95 7.50
C MET A 34 -2.62 -21.19 7.02
N ARG A 35 -3.93 -21.18 7.19
CA ARG A 35 -4.78 -22.19 6.59
C ARG A 35 -5.68 -21.55 5.54
N PHE A 36 -5.91 -22.28 4.45
CA PHE A 36 -6.84 -21.86 3.40
C PHE A 36 -8.26 -21.92 3.95
N ASP A 37 -9.05 -20.87 3.70
CA ASP A 37 -10.41 -20.79 4.23
C ASP A 37 -11.27 -19.84 3.40
N SER A 38 -11.84 -20.35 2.31
CA SER A 38 -12.59 -19.52 1.38
C SER A 38 -13.90 -20.16 0.95
N ASP A 39 -14.97 -19.37 0.96
CA ASP A 39 -16.28 -19.82 0.47
C ASP A 39 -16.39 -19.65 -1.04
N ARG A 40 -15.37 -19.02 -1.63
CA ARG A 40 -15.43 -18.63 -3.04
C ARG A 40 -14.49 -19.46 -3.92
N TYR A 41 -13.31 -19.80 -3.40
CA TYR A 41 -12.30 -20.43 -4.23
C TYR A 41 -12.02 -21.89 -3.88
N ARG A 42 -11.80 -22.70 -4.90
CA ARG A 42 -11.32 -24.06 -4.70
C ARG A 42 -9.85 -23.98 -4.34
N PRO A 43 -9.34 -24.97 -3.60
CA PRO A 43 -7.90 -24.95 -3.26
C PRO A 43 -7.03 -25.08 -4.51
N THR A 44 -7.62 -25.58 -5.58
CA THR A 44 -6.92 -25.81 -6.84
C THR A 44 -6.89 -24.57 -7.75
N ASP A 45 -7.62 -23.53 -7.37
CA ASP A 45 -7.54 -22.25 -8.08
C ASP A 45 -6.14 -21.67 -7.92
N THR A 46 -5.59 -21.11 -9.00
CA THR A 46 -4.24 -20.55 -8.95
C THR A 46 -4.29 -19.10 -8.48
N TYR A 47 -3.19 -18.64 -7.89
CA TYR A 47 -3.03 -17.26 -7.47
C TYR A 47 -3.42 -16.27 -8.56
N ALA A 48 -3.06 -16.61 -9.80
CA ALA A 48 -3.36 -15.72 -10.91
C ALA A 48 -4.85 -15.73 -11.23
N GLU A 49 -5.50 -16.86 -10.95
CA GLU A 49 -6.94 -16.94 -11.18
C GLU A 49 -7.70 -16.14 -10.12
N VAL A 50 -7.26 -16.24 -8.87
CA VAL A 50 -7.87 -15.44 -7.81
C VAL A 50 -7.75 -13.97 -8.18
N ALA A 51 -6.52 -13.54 -8.48
CA ALA A 51 -6.25 -12.15 -8.84
C ALA A 51 -7.17 -11.69 -9.97
N CYS A 52 -7.27 -12.51 -11.00
CA CYS A 52 -8.12 -12.18 -12.14
C CYS A 52 -9.57 -12.00 -11.70
N ASP A 53 -10.03 -12.89 -10.81
CA ASP A 53 -11.39 -12.85 -10.31
C ASP A 53 -11.59 -11.61 -9.44
N LYS A 54 -10.64 -11.33 -8.55
CA LYS A 54 -10.75 -10.18 -7.67
C LYS A 54 -10.79 -8.85 -8.43
N VAL A 55 -9.98 -8.76 -9.49
CA VAL A 55 -9.91 -7.58 -10.32
C VAL A 55 -11.19 -7.39 -11.14
N CYS A 56 -11.68 -8.46 -11.74
CA CYS A 56 -12.95 -8.40 -12.47
C CYS A 56 -14.10 -7.99 -11.56
N ARG A 57 -14.07 -8.45 -10.31
CA ARG A 57 -15.17 -8.15 -9.40
C ARG A 57 -15.09 -6.70 -8.91
N ALA A 58 -13.86 -6.18 -8.77
CA ALA A 58 -13.66 -4.77 -8.51
C ALA A 58 -14.25 -3.90 -9.62
N TYR A 59 -13.93 -4.21 -10.88
CA TYR A 59 -14.53 -3.46 -12.00
C TYR A 59 -16.04 -3.59 -11.99
N GLU A 60 -16.52 -4.75 -11.59
CA GLU A 60 -17.97 -4.99 -11.52
C GLU A 60 -18.62 -4.03 -10.52
N GLY A 61 -17.98 -3.87 -9.35
CA GLY A 61 -18.44 -2.93 -8.33
C GLY A 61 -18.41 -1.50 -8.83
N LEU A 62 -17.47 -1.21 -9.73
CA LEU A 62 -17.40 0.08 -10.38
C LEU A 62 -18.46 0.25 -11.49
N GLY A 63 -19.07 -0.83 -11.94
CA GLY A 63 -20.14 -0.72 -12.93
C GLY A 63 -19.67 -0.63 -14.37
N ARG A 69 -11.98 -10.86 -20.28
CA ARG A 69 -11.51 -11.48 -19.05
C ARG A 69 -10.42 -12.51 -19.33
N GLU A 70 -10.48 -13.15 -20.49
CA GLU A 70 -9.46 -14.12 -20.85
C GLU A 70 -8.11 -13.42 -21.04
N SER A 71 -8.13 -12.20 -21.59
CA SER A 71 -6.91 -11.44 -21.79
C SER A 71 -6.31 -11.04 -20.45
N LEU A 72 -7.15 -10.58 -19.53
CA LEU A 72 -6.73 -10.18 -18.20
C LEU A 72 -6.00 -11.33 -17.48
N LEU A 73 -6.61 -12.52 -17.48
CA LEU A 73 -5.99 -13.67 -16.82
C LEU A 73 -4.62 -14.02 -17.43
N ALA A 74 -4.52 -13.89 -18.75
CA ALA A 74 -3.23 -14.11 -19.42
C ALA A 74 -2.23 -13.01 -19.04
N PHE A 75 -2.71 -11.77 -18.93
CA PHE A 75 -1.84 -10.69 -18.50
C PHE A 75 -1.29 -10.96 -17.11
N LEU A 76 -2.17 -11.41 -16.23
CA LEU A 76 -1.83 -11.66 -14.82
C LEU A 76 -0.99 -12.91 -14.60
N ARG A 77 -1.27 -13.97 -15.35
CA ARG A 77 -0.40 -15.16 -15.28
C ARG A 77 1.01 -14.78 -15.73
N ASP A 78 1.07 -13.97 -16.79
CA ASP A 78 2.34 -13.43 -17.28
C ASP A 78 3.01 -12.63 -16.16
N LEU A 79 2.27 -11.66 -15.63
CA LEU A 79 2.80 -10.76 -14.62
C LEU A 79 3.31 -11.48 -13.37
N THR A 80 2.60 -12.54 -12.98
CA THR A 80 2.92 -13.28 -11.75
C THR A 80 3.78 -14.54 -11.99
N ASP A 81 4.07 -14.81 -13.26
CA ASP A 81 4.99 -15.90 -13.64
C ASP A 81 6.25 -15.87 -12.78
N PRO A 82 6.66 -17.02 -12.22
CA PRO A 82 6.05 -18.35 -12.32
C PRO A 82 5.05 -18.68 -11.21
N TRP A 83 5.14 -18.02 -10.05
CA TRP A 83 4.33 -18.42 -8.89
C TRP A 83 2.83 -18.26 -9.11
N GLY A 84 2.46 -17.53 -10.15
CA GLY A 84 1.07 -17.29 -10.47
C GLY A 84 0.30 -18.56 -10.76
N GLU A 85 1.02 -19.63 -11.10
CA GLU A 85 0.37 -20.89 -11.39
C GLU A 85 0.30 -21.80 -10.15
N LEU A 86 0.84 -21.34 -9.02
CA LEU A 86 0.71 -22.11 -7.79
C LEU A 86 -0.73 -22.12 -7.27
N PRO A 87 -1.14 -23.23 -6.62
CA PRO A 87 -2.51 -23.39 -6.11
C PRO A 87 -2.74 -22.58 -4.84
N VAL A 88 -3.84 -21.83 -4.80
CA VAL A 88 -4.08 -20.97 -3.65
C VAL A 88 -4.30 -21.81 -2.40
N GLY A 89 -4.76 -23.04 -2.59
CA GLY A 89 -5.10 -23.92 -1.49
C GLY A 89 -3.95 -24.27 -0.60
N THR A 90 -2.73 -24.10 -1.11
CA THR A 90 -1.51 -24.39 -0.35
C THR A 90 -0.84 -23.10 0.09
N PRO A 91 -1.14 -22.65 1.31
CA PRO A 91 -0.57 -21.40 1.84
C PRO A 91 0.95 -21.38 1.78
N PRO A 92 1.52 -20.19 1.54
CA PRO A 92 2.99 -20.05 1.51
C PRO A 92 3.61 -20.43 2.85
N GLU A 93 4.86 -20.87 2.83
CA GLU A 93 5.64 -21.06 4.06
C GLU A 93 5.68 -19.75 4.82
N ASP A 94 5.83 -18.66 4.07
CA ASP A 94 5.88 -17.32 4.64
C ASP A 94 4.80 -16.46 4.03
N ALA A 95 3.94 -15.92 4.88
CA ALA A 95 2.92 -14.98 4.42
C ALA A 95 3.58 -13.82 3.71
N CYS A 96 2.93 -13.30 2.68
CA CYS A 96 3.35 -12.07 2.05
C CYS A 96 2.92 -10.93 2.95
N TRP A 97 3.50 -9.75 2.75
CA TRP A 97 3.10 -8.58 3.53
C TRP A 97 2.18 -7.66 2.72
N VAL A 98 2.12 -7.89 1.42
CA VAL A 98 1.33 -7.03 0.54
C VAL A 98 -0.19 -7.11 0.86
N SER A 99 -0.62 -8.24 1.41
CA SER A 99 -2.00 -8.40 1.87
C SER A 99 -2.06 -8.77 3.34
N ILE A 100 -3.01 -8.22 4.09
CA ILE A 100 -3.11 -8.55 5.51
C ILE A 100 -3.50 -10.03 5.77
N ASP A 101 -3.96 -10.76 4.76
CA ASP A 101 -4.25 -12.18 4.99
C ASP A 101 -3.11 -13.06 4.48
N GLY A 102 -1.99 -12.43 4.15
CA GLY A 102 -0.79 -13.15 3.77
C GLY A 102 -0.71 -13.58 2.32
N MET A 103 -1.79 -13.39 1.58
CA MET A 103 -1.76 -13.66 0.15
C MET A 103 -0.70 -12.81 -0.58
N PRO A 104 -0.21 -13.30 -1.74
CA PRO A 104 0.74 -12.59 -2.59
C PRO A 104 0.08 -11.54 -3.48
N LEU A 105 -1.16 -11.18 -3.19
CA LEU A 105 -1.81 -10.15 -3.98
C LEU A 105 -2.81 -9.38 -3.14
N GLU A 106 -2.94 -8.08 -3.44
CA GLU A 106 -3.92 -7.22 -2.77
C GLU A 106 -4.59 -6.31 -3.78
N THR A 107 -5.93 -6.27 -3.78
CA THR A 107 -6.65 -5.44 -4.74
C THR A 107 -6.96 -4.10 -4.14
N SER A 108 -6.81 -3.04 -4.92
CA SER A 108 -7.29 -1.76 -4.46
C SER A 108 -8.07 -1.02 -5.53
N VAL A 109 -9.00 -0.19 -5.07
CA VAL A 109 -9.77 0.64 -5.97
C VAL A 109 -9.54 2.07 -5.51
N ALA A 110 -9.35 2.96 -6.48
CA ALA A 110 -9.00 4.34 -6.22
C ALA A 110 -9.97 5.27 -6.96
N TRP A 111 -10.44 6.28 -6.24
CA TRP A 111 -11.26 7.34 -6.81
C TRP A 111 -10.47 8.63 -6.72
N ALA A 112 -10.25 9.31 -7.84
CA ALA A 112 -9.55 10.60 -7.79
C ALA A 112 -10.31 11.62 -8.63
N GLY A 113 -10.78 12.68 -7.99
CA GLY A 113 -11.73 13.57 -8.62
C GLY A 113 -12.84 12.72 -9.19
N ARG A 114 -12.99 12.76 -10.51
CA ARG A 114 -14.12 12.10 -11.17
C ARG A 114 -13.68 10.82 -11.85
N LYS A 115 -12.43 10.42 -11.61
CA LYS A 115 -11.93 9.16 -12.14
C LYS A 115 -11.93 8.06 -11.08
N ALA A 116 -12.12 6.82 -11.51
CA ALA A 116 -12.05 5.67 -10.63
C ALA A 116 -11.43 4.50 -11.37
N GLY A 117 -10.59 3.74 -10.70
CA GLY A 117 -9.94 2.62 -11.34
C GLY A 117 -9.41 1.59 -10.38
N VAL A 118 -8.87 0.52 -10.95
CA VAL A 118 -8.49 -0.64 -10.18
C VAL A 118 -7.00 -0.84 -10.26
N ARG A 119 -6.44 -1.30 -9.16
CA ARG A 119 -5.02 -1.60 -9.10
C ARG A 119 -4.88 -2.92 -8.39
N LEU A 120 -3.75 -3.57 -8.63
CA LEU A 120 -3.43 -4.82 -7.99
C LEU A 120 -1.99 -4.76 -7.53
N SER A 121 -1.76 -5.02 -6.26
CA SER A 121 -0.40 -5.10 -5.78
C SER A 121 -0.02 -6.57 -5.67
N LEU A 122 1.28 -6.85 -5.79
CA LEU A 122 1.70 -8.24 -5.79
C LEU A 122 3.12 -8.38 -5.26
N GLU A 123 3.37 -9.52 -4.64
CA GLU A 123 4.63 -9.80 -3.98
C GLU A 123 4.84 -11.29 -4.03
N SER A 124 6.05 -11.74 -4.35
CA SER A 124 6.26 -13.18 -4.47
C SER A 124 5.97 -13.91 -3.17
N PRO A 125 5.20 -15.01 -3.24
CA PRO A 125 4.95 -15.86 -2.08
C PRO A 125 6.10 -16.80 -1.78
N ARG A 126 7.07 -16.86 -2.70
CA ARG A 126 8.19 -17.79 -2.52
C ARG A 126 9.09 -17.37 -1.36
N GLY A 127 9.85 -18.32 -0.84
CA GLY A 127 10.71 -18.08 0.29
C GLY A 127 12.06 -18.74 0.06
N PRO A 128 13.06 -18.39 0.88
CA PRO A 128 12.99 -17.42 1.98
C PRO A 128 13.03 -15.97 1.49
N ALA A 129 13.33 -15.04 2.39
CA ALA A 129 13.25 -13.60 2.07
C ALA A 129 14.16 -13.17 0.93
N LYS A 130 15.38 -13.71 0.88
CA LYS A 130 16.31 -13.33 -0.18
C LYS A 130 15.75 -13.76 -1.52
N ARG A 131 15.09 -14.91 -1.55
CA ARG A 131 14.52 -15.43 -2.78
C ARG A 131 13.32 -14.63 -3.25
N ARG A 132 12.48 -14.25 -2.29
CA ARG A 132 11.32 -13.41 -2.56
C ARG A 132 11.78 -12.03 -3.07
N MET A 133 12.85 -11.51 -2.47
CA MET A 133 13.48 -10.28 -2.93
C MET A 133 13.95 -10.41 -4.38
N GLU A 134 14.64 -11.51 -4.64
CA GLU A 134 15.20 -11.77 -5.97
C GLU A 134 14.11 -11.93 -7.01
N ASP A 135 12.98 -12.52 -6.61
CA ASP A 135 11.85 -12.64 -7.54
C ASP A 135 11.36 -11.24 -7.88
N GLY A 136 11.35 -10.36 -6.87
CA GLY A 136 10.94 -8.99 -7.07
C GLY A 136 11.89 -8.25 -8.01
N MET A 137 13.19 -8.48 -7.82
CA MET A 137 14.15 -7.84 -8.71
C MET A 137 13.94 -8.33 -10.12
N ALA A 138 13.69 -9.63 -10.27
CA ALA A 138 13.45 -10.20 -11.58
C ALA A 138 12.25 -9.56 -12.26
N LEU A 139 11.16 -9.33 -11.52
CA LEU A 139 9.97 -8.74 -12.14
C LEU A 139 10.26 -7.31 -12.63
N THR A 140 10.96 -6.51 -11.83
CA THR A 140 11.36 -5.17 -12.29
C THR A 140 11.99 -5.25 -13.68
N ARG A 141 12.89 -6.21 -13.87
CA ARG A 141 13.56 -6.31 -15.15
C ARG A 141 12.63 -6.79 -16.25
N ARG A 142 11.65 -7.61 -15.91
CA ARG A 142 10.68 -8.01 -16.94
C ARG A 142 9.70 -6.86 -17.28
N LEU A 143 9.59 -5.88 -16.40
CA LEU A 143 8.79 -4.69 -16.70
C LEU A 143 9.56 -3.66 -17.54
N ALA A 144 10.89 -3.77 -17.54
CA ALA A 144 11.76 -2.75 -18.10
C ALA A 144 11.43 -2.41 -19.56
N GLY A 145 11.04 -3.41 -20.34
CA GLY A 145 10.80 -3.17 -21.75
C GLY A 145 9.36 -2.92 -22.15
N ARG A 146 8.48 -2.79 -21.16
CA ARG A 146 7.04 -2.67 -21.42
C ARG A 146 6.69 -1.25 -21.81
N PRO A 147 5.58 -1.07 -22.55
CA PRO A 147 5.19 0.24 -23.05
C PRO A 147 5.14 1.30 -21.95
N GLY A 148 5.90 2.38 -22.12
CA GLY A 148 5.88 3.51 -21.20
C GLY A 148 6.65 3.31 -19.90
N VAL A 149 7.32 2.18 -19.75
CA VAL A 149 8.02 1.92 -18.51
C VAL A 149 9.45 2.42 -18.53
N SER A 150 9.88 3.04 -17.43
CA SER A 150 11.31 3.20 -17.20
C SER A 150 11.67 2.69 -15.82
N VAL A 151 12.62 1.76 -15.78
CA VAL A 151 13.10 1.23 -14.50
C VAL A 151 14.42 1.86 -14.08
N ASP A 152 14.94 2.80 -14.86
CA ASP A 152 16.23 3.44 -14.54
C ASP A 152 16.27 4.06 -13.16
N PRO A 153 15.22 4.82 -12.78
CA PRO A 153 15.30 5.39 -11.43
C PRO A 153 15.32 4.33 -10.35
N CYS A 154 14.63 3.22 -10.57
CA CYS A 154 14.61 2.12 -9.62
C CYS A 154 15.99 1.48 -9.50
N LEU A 155 16.61 1.22 -10.64
CA LEU A 155 17.93 0.60 -10.63
C LEU A 155 18.98 1.50 -10.01
N ARG A 156 18.75 2.82 -10.06
CA ARG A 156 19.68 3.77 -9.47
C ARG A 156 19.74 3.67 -7.95
N VAL A 157 18.63 3.28 -7.33
CA VAL A 157 18.57 3.24 -5.87
C VAL A 157 18.38 1.84 -5.32
N GLU A 158 18.34 0.85 -6.20
CA GLU A 158 17.93 -0.50 -5.82
C GLU A 158 18.87 -1.14 -4.80
N ASP A 159 20.15 -0.78 -4.83
CA ASP A 159 21.11 -1.34 -3.89
C ASP A 159 20.90 -0.86 -2.45
N LEU A 160 20.17 0.23 -2.29
CA LEU A 160 19.91 0.77 -0.96
C LEU A 160 18.84 -0.02 -0.23
N PHE A 161 18.10 -0.83 -0.99
CA PHE A 161 16.90 -1.51 -0.47
C PHE A 161 16.98 -3.01 -0.65
N THR A 162 18.16 -3.52 -1.00
CA THR A 162 18.35 -4.97 -1.14
C THR A 162 19.59 -5.37 -0.39
N ASP A 163 19.64 -6.63 0.01
CA ASP A 163 20.75 -7.14 0.78
C ASP A 163 20.65 -8.66 0.75
N ASP A 164 21.73 -9.35 1.12
CA ASP A 164 21.75 -10.81 1.04
C ASP A 164 20.89 -11.41 2.14
N ASP A 165 20.78 -10.67 3.23
CA ASP A 165 20.03 -11.08 4.41
C ASP A 165 19.02 -9.99 4.77
N PRO A 166 17.94 -9.85 3.98
CA PRO A 166 17.00 -8.75 4.19
C PRO A 166 16.23 -8.91 5.49
N GLN A 167 16.09 -7.84 6.23
CA GLN A 167 15.31 -7.85 7.47
C GLN A 167 14.00 -7.12 7.22
N GLY A 168 13.08 -7.17 8.19
CA GLY A 168 11.81 -6.49 8.03
C GLY A 168 10.75 -7.34 7.35
N TYR A 169 9.56 -6.78 7.14
CA TYR A 169 8.41 -7.56 6.71
C TYR A 169 8.33 -7.82 5.22
N PHE A 170 9.05 -7.02 4.44
CA PHE A 170 9.04 -7.17 2.99
C PHE A 170 10.33 -6.60 2.42
N THR A 171 10.57 -6.84 1.14
CA THR A 171 11.69 -6.19 0.47
C THR A 171 11.22 -5.49 -0.77
N ILE A 172 10.60 -6.26 -1.68
CA ILE A 172 10.12 -5.71 -2.93
C ILE A 172 8.72 -6.20 -3.25
N ALA A 173 7.83 -5.26 -3.55
CA ALA A 173 6.52 -5.58 -4.09
C ALA A 173 6.26 -4.64 -5.23
N HIS A 174 5.25 -4.94 -6.03
CA HIS A 174 4.88 -4.08 -7.15
C HIS A 174 3.38 -3.88 -7.19
N ALA A 175 2.96 -2.89 -7.97
CA ALA A 175 1.55 -2.76 -8.32
C ALA A 175 1.40 -2.40 -9.79
N VAL A 176 0.32 -2.85 -10.39
CA VAL A 176 -0.07 -2.45 -11.73
C VAL A 176 -1.40 -1.72 -11.62
N ALA A 177 -1.55 -0.65 -12.39
CA ALA A 177 -2.80 0.10 -12.45
C ALA A 177 -3.25 0.19 -13.90
N TRP A 178 -4.50 -0.16 -14.16
CA TRP A 178 -5.03 -0.11 -15.51
C TRP A 178 -5.83 1.16 -15.70
N THR A 179 -5.78 1.73 -16.90
CA THR A 179 -6.57 2.92 -17.19
C THR A 179 -7.63 2.61 -18.25
N PRO A 184 -1.03 0.16 -19.10
CA PRO A 184 -0.69 -0.31 -17.75
C PRO A 184 0.46 0.48 -17.15
N ARG A 185 0.24 0.96 -15.94
CA ARG A 185 1.26 1.73 -15.25
C ARG A 185 1.73 0.88 -14.10
N TYR A 186 3.01 0.91 -13.79
CA TYR A 186 3.54 0.02 -12.76
C TYR A 186 4.26 0.84 -11.70
N LYS A 187 4.21 0.39 -10.46
CA LYS A 187 5.07 0.99 -9.44
C LYS A 187 5.80 -0.09 -8.68
N ILE A 188 6.83 0.31 -7.96
CA ILE A 188 7.52 -0.63 -7.12
C ILE A 188 7.49 -0.11 -5.70
N PHE A 189 7.39 -1.02 -4.74
CA PHE A 189 7.51 -0.69 -3.32
C PHE A 189 8.81 -1.27 -2.75
N LEU A 190 9.52 -0.44 -2.01
CA LEU A 190 10.85 -0.78 -1.49
C LEU A 190 10.90 -0.48 -0.01
N ASN A 191 11.66 -1.28 0.72
CA ASN A 191 11.70 -1.20 2.18
C ASN A 191 13.00 -0.60 2.73
N PRO A 192 12.92 0.65 3.20
CA PRO A 192 14.08 1.34 3.77
C PRO A 192 14.58 0.66 5.04
N ALA A 193 13.76 -0.21 5.64
CA ALA A 193 14.12 -0.91 6.86
C ALA A 193 14.70 -2.32 6.56
N VAL A 194 15.06 -2.54 5.31
CA VAL A 194 15.68 -3.78 4.85
C VAL A 194 16.86 -4.26 5.74
N ARG A 195 17.59 -3.32 6.35
CA ARG A 195 18.65 -3.69 7.30
C ARG A 195 18.41 -3.07 8.67
N GLY A 196 17.16 -3.01 9.08
CA GLY A 196 16.84 -2.40 10.36
C GLY A 196 16.26 -1.00 10.26
N ARG A 197 15.35 -0.72 11.18
CA ARG A 197 14.66 0.56 11.24
C ARG A 197 15.62 1.71 11.49
N GLU A 198 16.69 1.47 12.24
CA GLU A 198 17.63 2.52 12.58
C GLU A 198 18.26 3.17 11.35
N GLN A 199 18.29 2.47 10.22
CA GLN A 199 18.92 2.98 9.00
C GLN A 199 17.94 3.49 7.95
N ALA A 200 16.64 3.41 8.24
CA ALA A 200 15.61 3.65 7.22
C ALA A 200 15.69 5.06 6.66
N ALA A 201 15.77 6.04 7.55
CA ALA A 201 15.85 7.44 7.17
C ALA A 201 17.07 7.74 6.29
N ALA A 202 18.21 7.14 6.64
CA ALA A 202 19.44 7.38 5.88
C ALA A 202 19.35 6.79 4.48
N ARG A 203 18.84 5.57 4.39
CA ARG A 203 18.69 4.94 3.07
C ARG A 203 17.66 5.70 2.25
N THR A 204 16.60 6.16 2.90
CA THR A 204 15.59 6.95 2.22
C THR A 204 16.21 8.24 1.67
N GLU A 205 16.91 8.95 2.54
CA GLU A 205 17.55 10.22 2.17
C GLU A 205 18.52 10.05 0.99
N GLU A 206 19.38 9.05 1.08
CA GLU A 206 20.32 8.79 0.01
C GLU A 206 19.57 8.51 -1.29
N ALA A 207 18.49 7.75 -1.21
CA ALA A 207 17.69 7.47 -2.40
C ALA A 207 17.11 8.76 -2.98
N MET A 208 16.61 9.63 -2.13
CA MET A 208 16.00 10.86 -2.61
C MET A 208 17.05 11.75 -3.31
N ILE A 209 18.26 11.80 -2.75
CA ILE A 209 19.30 12.64 -3.32
C ILE A 209 19.68 12.10 -4.69
N ARG A 210 19.91 10.78 -4.78
CA ARG A 210 20.27 10.16 -6.04
C ARG A 210 19.27 10.42 -7.15
N LEU A 211 17.99 10.52 -6.77
CA LEU A 211 16.92 10.71 -7.73
C LEU A 211 16.69 12.20 -8.05
N GLY A 212 17.51 13.07 -7.48
CA GLY A 212 17.39 14.49 -7.72
C GLY A 212 16.25 15.17 -6.96
N LEU A 213 15.87 14.59 -5.84
CA LEU A 213 14.72 15.10 -5.08
C LEU A 213 15.15 15.65 -3.73
N GLU A 214 16.39 16.07 -3.65
CA GLU A 214 16.91 16.60 -2.40
C GLU A 214 16.11 17.79 -1.92
N GLN A 215 15.68 18.68 -2.82
CA GLN A 215 15.03 19.90 -2.35
C GLN A 215 13.72 19.61 -1.59
N PRO A 216 12.75 18.90 -2.23
CA PRO A 216 11.53 18.66 -1.44
C PRO A 216 11.76 17.76 -0.22
N TRP A 217 12.73 16.84 -0.30
CA TRP A 217 13.07 15.98 0.83
C TRP A 217 13.58 16.80 2.01
N ARG A 218 14.39 17.83 1.72
CA ARG A 218 14.90 18.70 2.78
C ARG A 218 13.75 19.46 3.42
N ALA A 219 12.87 20.02 2.60
CA ALA A 219 11.70 20.72 3.09
C ALA A 219 10.87 19.84 4.04
N LEU A 220 10.61 18.59 3.65
CA LEU A 220 9.88 17.68 4.53
C LEU A 220 10.66 17.45 5.81
N THR A 221 11.95 17.14 5.65
CA THR A 221 12.80 16.79 6.79
C THR A 221 12.88 17.91 7.81
N GLU A 222 13.04 19.13 7.30
CA GLU A 222 13.07 20.30 8.17
C GLU A 222 11.70 20.55 8.81
N HIS A 223 10.63 20.33 8.04
CA HIS A 223 9.30 20.49 8.62
C HIS A 223 9.08 19.54 9.80
N LEU A 224 9.64 18.34 9.73
CA LEU A 224 9.44 17.36 10.79
C LEU A 224 10.42 17.55 11.97
N GLY A 225 11.35 18.50 11.85
CA GLY A 225 12.24 18.80 12.95
C GLY A 225 13.66 18.31 12.75
N GLY A 226 13.97 17.84 11.55
CA GLY A 226 15.33 17.50 11.19
C GLY A 226 15.71 16.06 11.43
N ALA A 227 14.80 15.27 11.99
CA ALA A 227 15.08 13.86 12.23
C ALA A 227 13.81 13.02 12.03
N TYR A 228 14.00 11.72 11.92
CA TYR A 228 12.92 10.75 11.76
C TYR A 228 12.97 9.76 12.91
N GLY A 229 11.86 9.60 13.60
CA GLY A 229 11.72 8.59 14.63
C GLY A 229 10.38 7.92 14.42
N PRO A 230 9.94 7.11 15.38
CA PRO A 230 8.67 6.36 15.26
C PRO A 230 7.45 7.26 15.03
N GLU A 231 7.58 8.52 15.38
CA GLU A 231 6.50 9.49 15.24
C GLU A 231 6.23 9.86 13.76
N HIS A 232 7.25 9.67 12.91
CA HIS A 232 7.09 9.85 11.46
C HIS A 232 8.17 9.05 10.74
N GLU A 233 7.96 7.74 10.69
CA GLU A 233 8.99 6.78 10.38
C GLU A 233 8.93 6.27 8.95
N PRO A 234 10.03 6.39 8.20
CA PRO A 234 10.05 5.85 6.84
C PRO A 234 9.83 4.33 6.82
N ALA A 235 8.69 3.89 6.30
CA ALA A 235 8.32 2.48 6.33
C ALA A 235 8.28 1.87 4.93
N ALA A 236 8.23 2.72 3.92
CA ALA A 236 8.23 2.24 2.54
C ALA A 236 8.55 3.38 1.60
N LEU A 237 9.22 3.04 0.49
CA LEU A 237 9.44 4.00 -0.58
C LEU A 237 8.85 3.41 -1.84
N ALA A 238 7.99 4.16 -2.51
CA ALA A 238 7.45 3.67 -3.76
C ALA A 238 7.82 4.61 -4.90
N MET A 239 7.87 4.09 -6.11
CA MET A 239 8.05 4.98 -7.24
C MET A 239 7.33 4.43 -8.46
N ASP A 240 6.73 5.35 -9.21
CA ASP A 240 6.12 5.00 -10.48
C ASP A 240 7.25 4.72 -11.46
N LEU A 241 7.12 3.64 -12.22
CA LEU A 241 8.18 3.19 -13.13
C LEU A 241 7.98 3.81 -14.52
N VAL A 242 8.20 5.12 -14.60
CA VAL A 242 7.94 5.90 -15.80
C VAL A 242 9.01 6.98 -15.96
N PRO A 243 9.20 7.50 -17.19
CA PRO A 243 10.15 8.60 -17.41
C PRO A 243 9.45 9.95 -17.37
N GLY A 244 10.23 11.03 -17.39
CA GLY A 244 9.65 12.36 -17.53
C GLY A 244 9.05 12.92 -16.26
N ASP A 245 8.43 14.09 -16.39
CA ASP A 245 7.96 14.86 -15.23
C ASP A 245 6.81 14.13 -14.54
N ASP A 246 6.30 13.12 -15.23
CA ASP A 246 5.30 12.21 -14.67
C ASP A 246 5.86 11.39 -13.50
N PHE A 247 7.18 11.19 -13.50
CA PHE A 247 7.84 10.40 -12.48
C PHE A 247 7.45 10.84 -11.08
N ARG A 248 7.32 9.88 -10.17
CA ARG A 248 6.77 10.15 -8.86
C ARG A 248 7.35 9.19 -7.83
N VAL A 249 7.84 9.73 -6.73
CA VAL A 249 8.28 8.92 -5.60
C VAL A 249 7.37 9.17 -4.42
N GLN A 250 7.01 8.09 -3.72
CA GLN A 250 6.28 8.25 -2.47
C GLN A 250 7.06 7.71 -1.29
N VAL A 251 7.18 8.52 -0.25
CA VAL A 251 7.73 8.05 1.01
C VAL A 251 6.62 7.94 2.05
N TYR A 252 6.41 6.73 2.55
CA TYR A 252 5.35 6.47 3.53
C TYR A 252 5.89 6.58 4.95
N LEU A 253 5.38 7.53 5.73
CA LEU A 253 5.81 7.69 7.11
C LEU A 253 4.75 7.19 8.09
N ALA A 254 5.08 6.17 8.88
CA ALA A 254 4.18 5.65 9.91
C ALA A 254 4.24 6.52 11.16
N HIS A 255 3.09 6.73 11.78
CA HIS A 255 2.96 7.62 12.92
C HIS A 255 2.60 6.83 14.19
N SER A 256 3.61 6.41 14.95
CA SER A 256 3.39 5.72 16.22
C SER A 256 3.39 6.70 17.38
N GLY A 257 2.34 6.68 18.17
CA GLY A 257 2.31 7.39 19.43
C GLY A 257 2.02 8.87 19.35
N VAL A 258 1.35 9.32 18.29
CA VAL A 258 1.01 10.73 18.19
C VAL A 258 -0.45 10.97 17.85
N SER A 259 -0.94 12.12 18.27
CA SER A 259 -2.34 12.47 18.10
C SER A 259 -2.72 12.73 16.65
N ALA A 260 -4.02 12.73 16.39
CA ALA A 260 -4.54 13.12 15.09
C ALA A 260 -4.10 14.54 14.73
N GLU A 261 -4.09 15.42 15.73
CA GLU A 261 -3.75 16.81 15.50
C GLU A 261 -2.28 16.93 15.15
N ALA A 262 -1.45 16.14 15.80
CA ALA A 262 -0.02 16.14 15.52
C ALA A 262 0.26 15.61 14.10
N ILE A 263 -0.45 14.57 13.71
CA ILE A 263 -0.30 14.02 12.37
C ILE A 263 -0.67 15.04 11.33
N ASP A 264 -1.79 15.72 11.54
CA ASP A 264 -2.25 16.76 10.62
C ASP A 264 -1.18 17.84 10.43
N ALA A 265 -0.59 18.29 11.54
CA ALA A 265 0.43 19.32 11.52
C ALA A 265 1.67 18.89 10.74
N LYS A 266 1.91 17.58 10.69
CA LYS A 266 3.09 17.07 9.99
C LYS A 266 2.97 17.24 8.48
N SER A 267 1.75 17.38 7.98
CA SER A 267 1.61 17.45 6.55
C SER A 267 1.35 18.90 6.09
N ALA A 268 1.55 19.86 6.99
CA ALA A 268 1.33 21.26 6.64
C ALA A 268 2.34 21.78 5.61
N VAL A 269 3.44 21.05 5.44
CA VAL A 269 4.47 21.42 4.47
C VAL A 269 4.02 21.01 3.06
N ALA A 270 2.94 20.23 2.99
CA ALA A 270 2.56 19.64 1.71
C ALA A 270 1.91 20.66 0.77
N ALA A 271 2.14 20.47 -0.53
CA ALA A 271 1.63 21.35 -1.56
C ALA A 271 0.11 21.38 -1.58
N ASP A 272 -0.51 20.28 -1.15
CA ASP A 272 -1.97 20.12 -1.20
C ASP A 272 -2.58 19.96 0.19
N HIS A 273 -1.91 20.52 1.18
CA HIS A 273 -2.36 20.41 2.57
C HIS A 273 -3.65 21.17 2.80
N VAL A 274 -4.63 20.51 3.40
CA VAL A 274 -5.86 21.15 3.86
C VAL A 274 -5.90 21.06 5.39
N PRO A 275 -5.68 22.19 6.07
CA PRO A 275 -5.58 22.25 7.53
C PRO A 275 -6.75 21.56 8.21
N GLY A 276 -6.47 20.69 9.18
CA GLY A 276 -7.49 19.94 9.87
C GLY A 276 -8.10 18.73 9.15
N SER A 277 -7.91 18.61 7.83
CA SER A 277 -8.59 17.54 7.09
C SER A 277 -8.17 16.15 7.58
N PHE A 278 -6.87 15.95 7.77
CA PHE A 278 -6.40 14.63 8.19
C PHE A 278 -6.89 14.31 9.61
N ALA A 279 -6.83 15.32 10.49
CA ALA A 279 -7.23 15.15 11.89
C ALA A 279 -8.69 14.74 11.96
N ARG A 280 -9.51 15.41 11.16
CA ARG A 280 -10.93 15.11 11.09
C ARG A 280 -11.24 13.70 10.56
N ALA A 281 -10.53 13.28 9.52
CA ALA A 281 -10.69 11.94 8.98
C ALA A 281 -10.28 10.90 10.02
N LEU A 282 -9.16 11.17 10.69
CA LEU A 282 -8.64 10.22 11.66
C LEU A 282 -9.57 10.07 12.84
N ARG A 283 -9.97 11.19 13.40
CA ARG A 283 -10.87 11.19 14.55
C ARG A 283 -12.24 10.69 14.16
N GLY A 284 -12.74 11.15 13.01
CA GLY A 284 -14.07 10.79 12.58
C GLY A 284 -14.20 9.30 12.32
N ILE A 285 -13.23 8.75 11.59
CA ILE A 285 -13.31 7.34 11.22
C ILE A 285 -12.81 6.44 12.34
N ASN A 286 -11.66 6.78 12.93
CA ASN A 286 -11.00 5.84 13.84
C ASN A 286 -11.08 6.18 15.34
N GLY A 287 -11.75 7.28 15.70
CA GLY A 287 -11.95 7.61 17.10
C GLY A 287 -10.70 8.14 17.76
N ALA A 288 -10.68 8.17 19.09
CA ALA A 288 -9.53 8.72 19.82
C ALA A 288 -8.41 7.69 19.97
N ASP A 289 -7.18 8.19 19.98
CA ASP A 289 -6.00 7.32 20.12
C ASP A 289 -5.98 6.61 21.48
N PRO A 292 -5.47 1.55 22.19
CA PRO A 292 -6.25 0.56 22.93
C PRO A 292 -6.08 -0.86 22.40
N GLU A 293 -4.83 -1.30 22.26
CA GLU A 293 -4.46 -2.66 21.86
C GLU A 293 -4.67 -2.92 20.37
N TRP A 294 -5.86 -2.59 19.87
CA TRP A 294 -6.17 -2.82 18.47
C TRP A 294 -5.99 -1.53 17.67
N LYS A 295 -5.41 -0.52 18.29
CA LYS A 295 -5.00 0.68 17.54
C LYS A 295 -3.47 0.76 17.51
N ARG A 296 -2.87 -0.43 17.53
CA ARG A 296 -1.43 -0.60 17.38
C ARG A 296 -0.96 -0.30 15.94
N LYS A 297 -1.79 -0.69 14.97
CA LYS A 297 -1.53 -0.41 13.56
C LYS A 297 -1.51 1.11 13.35
N PRO A 298 -0.31 1.67 13.11
CA PRO A 298 -0.21 3.14 13.00
C PRO A 298 -0.82 3.69 11.72
N PRO A 299 -1.41 4.89 11.81
CA PRO A 299 -1.74 5.64 10.61
C PRO A 299 -0.46 6.05 9.88
N VAL A 300 -0.58 6.30 8.59
CA VAL A 300 0.57 6.54 7.72
C VAL A 300 0.27 7.73 6.82
N THR A 301 1.25 8.62 6.63
CA THR A 301 1.12 9.67 5.61
C THR A 301 2.05 9.36 4.44
N ALA A 302 1.51 9.33 3.21
CA ALA A 302 2.34 9.16 2.02
C ALA A 302 2.68 10.53 1.45
N PHE A 303 3.96 10.87 1.52
CA PHE A 303 4.44 12.09 0.90
C PHE A 303 4.93 11.77 -0.49
N SER A 304 4.42 12.52 -1.46
CA SER A 304 4.71 12.24 -2.87
C SER A 304 5.58 13.35 -3.46
N PHE A 305 6.64 12.92 -4.12
CA PHE A 305 7.64 13.81 -4.67
C PHE A 305 7.75 13.64 -6.19
N GLY A 306 8.03 14.75 -6.87
CA GLY A 306 8.22 14.74 -8.31
C GLY A 306 9.23 15.77 -8.76
N PRO A 307 9.70 15.64 -10.02
CA PRO A 307 10.68 16.58 -10.59
C PRO A 307 10.13 18.00 -10.64
N GLY A 308 10.90 18.96 -10.19
CA GLY A 308 10.54 20.35 -10.31
C GLY A 308 9.44 20.75 -9.36
N ARG A 309 9.20 19.91 -8.35
CA ARG A 309 8.24 20.23 -7.30
C ARG A 309 8.98 20.39 -5.98
N ALA A 310 8.91 21.60 -5.42
CA ALA A 310 9.78 22.01 -4.32
C ALA A 310 9.33 21.48 -2.97
N VAL A 311 8.07 21.05 -2.88
CA VAL A 311 7.55 20.42 -1.66
C VAL A 311 6.70 19.22 -2.07
N PRO A 312 6.62 18.20 -1.21
CA PRO A 312 5.81 17.02 -1.52
C PRO A 312 4.31 17.27 -1.40
N GLY A 313 3.48 16.41 -1.99
CA GLY A 313 2.07 16.35 -1.66
C GLY A 313 1.90 15.40 -0.48
N ALA A 314 0.71 15.31 0.07
CA ALA A 314 0.46 14.40 1.20
C ALA A 314 -0.87 13.67 1.06
N THR A 315 -0.85 12.35 1.32
CA THR A 315 -2.07 11.56 1.33
C THR A 315 -2.14 10.74 2.64
N LEU A 316 -3.30 10.77 3.29
CA LEU A 316 -3.52 10.10 4.55
C LEU A 316 -3.93 8.64 4.36
N TYR A 317 -3.29 7.74 5.11
CA TYR A 317 -3.66 6.33 5.16
C TYR A 317 -4.22 5.98 6.55
N VAL A 318 -5.51 5.66 6.57
CA VAL A 318 -6.25 5.33 7.78
C VAL A 318 -6.40 3.82 7.92
N PRO A 319 -5.88 3.26 9.03
CA PRO A 319 -5.93 1.82 9.29
C PRO A 319 -7.35 1.34 9.45
N MET A 320 -7.65 0.21 8.84
CA MET A 320 -8.99 -0.36 8.86
C MET A 320 -9.02 -1.59 9.77
N ILE A 321 -8.86 -2.79 9.22
CA ILE A 321 -8.70 -3.97 10.06
C ILE A 321 -7.29 -3.85 10.65
N PRO A 322 -7.11 -4.07 11.97
CA PRO A 322 -8.06 -4.53 12.98
C PRO A 322 -8.53 -3.42 13.93
N VAL A 323 -8.34 -2.15 13.56
CA VAL A 323 -8.85 -1.07 14.39
C VAL A 323 -10.37 -1.19 14.55
N HIS A 324 -11.01 -1.61 13.45
CA HIS A 324 -12.44 -1.81 13.42
C HIS A 324 -12.70 -3.29 13.60
N GLY A 325 -13.82 -3.64 14.21
CA GLY A 325 -14.13 -5.03 14.48
C GLY A 325 -14.49 -5.90 13.29
N SER A 326 -14.87 -5.28 12.17
CA SER A 326 -15.18 -6.02 10.95
C SER A 326 -15.22 -5.07 9.77
N ASP A 327 -15.25 -5.62 8.56
CA ASP A 327 -15.45 -4.79 7.37
C ASP A 327 -16.78 -4.04 7.39
N ALA A 328 -17.81 -4.63 7.99
CA ALA A 328 -19.09 -3.95 8.08
C ALA A 328 -18.97 -2.71 8.96
N ALA A 329 -18.32 -2.85 10.11
CA ALA A 329 -18.21 -1.71 11.01
C ALA A 329 -17.33 -0.62 10.36
N ALA A 330 -16.25 -1.04 9.71
CA ALA A 330 -15.39 -0.08 9.04
C ALA A 330 -16.16 0.61 7.90
N ARG A 331 -16.88 -0.20 7.11
CA ARG A 331 -17.70 0.34 6.02
C ARG A 331 -18.69 1.43 6.47
N ASP A 332 -19.44 1.18 7.54
CA ASP A 332 -20.39 2.18 8.02
C ASP A 332 -19.70 3.51 8.34
N ARG A 333 -18.53 3.42 8.95
CA ARG A 333 -17.86 4.65 9.39
C ARG A 333 -17.23 5.37 8.21
N VAL A 334 -16.64 4.60 7.29
CA VAL A 334 -16.03 5.21 6.11
C VAL A 334 -17.09 5.79 5.18
N ALA A 335 -18.22 5.09 5.05
CA ALA A 335 -19.32 5.58 4.22
C ALA A 335 -19.83 6.91 4.76
N ALA A 336 -20.03 6.98 6.09
CA ALA A 336 -20.47 8.21 6.71
C ALA A 336 -19.45 9.34 6.49
N PHE A 337 -18.16 9.04 6.59
CA PHE A 337 -17.16 10.06 6.32
C PHE A 337 -17.18 10.54 4.86
N LEU A 338 -17.24 9.60 3.92
CA LEU A 338 -17.30 9.95 2.49
C LEU A 338 -18.49 10.88 2.21
N ARG A 339 -19.64 10.57 2.80
CA ARG A 339 -20.82 11.38 2.57
C ARG A 339 -20.63 12.80 3.09
N SER A 340 -20.08 12.94 4.29
CA SER A 340 -19.90 14.26 4.87
C SER A 340 -18.93 15.07 4.01
N GLU A 341 -18.06 14.40 3.27
CA GLU A 341 -17.17 15.08 2.34
C GLU A 341 -17.82 15.28 0.96
N GLY A 342 -19.01 14.72 0.77
CA GLY A 342 -19.71 14.79 -0.50
C GLY A 342 -19.09 13.92 -1.59
N MET A 343 -18.32 12.91 -1.16
CA MET A 343 -17.69 11.97 -2.09
C MET A 343 -18.63 10.79 -2.30
N ASP A 344 -18.23 9.85 -3.15
CA ASP A 344 -19.13 8.76 -3.57
C ASP A 344 -19.09 7.56 -2.66
N ALA A 345 -20.00 7.52 -1.68
CA ALA A 345 -20.09 6.43 -0.74
C ALA A 345 -20.75 5.21 -1.37
N VAL A 346 -21.67 5.44 -2.29
CA VAL A 346 -22.32 4.34 -2.97
C VAL A 346 -21.31 3.50 -3.74
N GLY A 347 -20.40 4.14 -4.47
CA GLY A 347 -19.39 3.40 -5.22
C GLY A 347 -18.45 2.59 -4.33
N TYR A 348 -18.06 3.15 -3.20
CA TYR A 348 -17.24 2.45 -2.23
C TYR A 348 -17.93 1.18 -1.76
N GLU A 349 -19.18 1.30 -1.32
CA GLU A 349 -19.93 0.13 -0.84
C GLU A 349 -20.17 -0.91 -1.94
N ALA A 350 -20.46 -0.45 -3.15
CA ALA A 350 -20.64 -1.38 -4.28
C ALA A 350 -19.37 -2.20 -4.55
N VAL A 351 -18.22 -1.56 -4.42
CA VAL A 351 -16.96 -2.27 -4.59
C VAL A 351 -16.77 -3.30 -3.47
N LEU A 352 -17.00 -2.89 -2.22
CA LEU A 352 -16.87 -3.82 -1.11
C LEU A 352 -17.77 -5.03 -1.29
N ASP A 353 -19.02 -4.77 -1.67
CA ASP A 353 -20.02 -5.83 -1.86
C ASP A 353 -19.66 -6.77 -2.99
N ALA A 354 -19.20 -6.22 -4.10
CA ALA A 354 -18.89 -7.04 -5.27
C ALA A 354 -17.68 -7.95 -5.04
N ILE A 355 -16.69 -7.44 -4.32
CA ILE A 355 -15.39 -8.11 -4.26
C ILE A 355 -15.27 -9.06 -3.06
N SER A 356 -16.10 -8.86 -2.04
CA SER A 356 -15.94 -9.60 -0.79
C SER A 356 -16.56 -11.00 -0.84
N ASP A 357 -15.92 -11.97 -0.20
CA ASP A 357 -16.38 -13.36 -0.27
C ASP A 357 -17.23 -13.77 0.93
N ARG A 358 -17.20 -12.98 1.98
CA ARG A 358 -18.03 -13.23 3.14
C ARG A 358 -18.92 -12.07 3.41
N SER A 359 -20.02 -12.36 4.09
CA SER A 359 -20.87 -11.37 4.72
C SER A 359 -20.00 -10.41 5.55
N LEU A 360 -20.17 -9.12 5.33
CA LEU A 360 -19.21 -8.13 5.86
C LEU A 360 -19.02 -8.10 7.39
N PRO A 361 -20.09 -8.34 8.19
CA PRO A 361 -19.85 -8.43 9.64
C PRO A 361 -18.93 -9.56 10.08
N GLU A 362 -18.68 -10.54 9.19
CA GLU A 362 -17.69 -11.57 9.48
C GLU A 362 -16.51 -11.51 8.52
N SER A 363 -16.34 -10.37 7.88
CA SER A 363 -15.24 -10.19 6.94
C SER A 363 -14.20 -9.24 7.54
N HIS A 364 -12.92 -9.55 7.30
CA HIS A 364 -11.83 -8.74 7.85
C HIS A 364 -10.75 -8.49 6.81
N THR A 365 -11.13 -7.88 5.68
CA THR A 365 -10.20 -7.77 4.54
C THR A 365 -9.69 -6.35 4.27
N GLN A 366 -10.34 -5.32 4.79
CA GLN A 366 -9.85 -3.99 4.51
C GLN A 366 -8.62 -3.67 5.32
N ASN A 367 -7.55 -3.34 4.61
CA ASN A 367 -6.24 -3.08 5.21
C ASN A 367 -6.15 -1.63 5.67
N PHE A 368 -6.31 -0.72 4.70
CA PHE A 368 -6.30 0.72 4.88
C PHE A 368 -7.34 1.32 3.96
N ILE A 369 -7.72 2.57 4.22
CA ILE A 369 -8.20 3.42 3.17
C ILE A 369 -7.23 4.57 3.10
N SER A 370 -7.17 5.23 1.94
CA SER A 370 -6.38 6.46 1.87
C SER A 370 -7.28 7.59 1.44
N TYR A 371 -6.85 8.81 1.77
CA TYR A 371 -7.70 9.97 1.64
C TYR A 371 -6.91 11.27 1.49
N ARG A 372 -7.38 12.12 0.58
CA ARG A 372 -6.97 13.51 0.57
C ARG A 372 -8.18 14.37 0.23
N GLY A 373 -8.35 15.49 0.94
CA GLY A 373 -9.45 16.39 0.70
C GLY A 373 -9.13 17.54 -0.23
N GLY A 374 -9.90 18.62 -0.12
CA GLY A 374 -9.66 19.77 -0.96
C GLY A 374 -10.36 19.62 -2.30
N ASP A 375 -9.92 20.42 -3.26
CA ASP A 375 -10.67 20.54 -4.51
C ASP A 375 -10.42 19.41 -5.50
N SER A 376 -9.40 18.59 -5.22
CA SER A 376 -9.20 17.37 -5.98
C SER A 376 -9.10 16.19 -5.02
N PRO A 377 -10.23 15.78 -4.44
CA PRO A 377 -10.22 14.78 -3.37
C PRO A 377 -9.88 13.40 -3.89
N ARG A 378 -9.37 12.56 -3.00
CA ARG A 378 -8.95 11.21 -3.37
C ARG A 378 -9.37 10.26 -2.27
N PHE A 379 -9.81 9.08 -2.66
CA PHE A 379 -10.17 8.04 -1.71
C PHE A 379 -9.80 6.72 -2.34
N SER A 380 -9.19 5.84 -1.57
CA SER A 380 -8.89 4.50 -2.05
C SER A 380 -9.10 3.50 -0.95
N VAL A 381 -9.43 2.26 -1.32
CA VAL A 381 -9.54 1.17 -0.36
C VAL A 381 -8.63 0.03 -0.82
N TYR A 382 -7.96 -0.63 0.15
CA TYR A 382 -7.00 -1.70 -0.15
C TYR A 382 -7.50 -2.98 0.51
N LEU A 383 -7.67 -4.03 -0.29
CA LEU A 383 -8.41 -5.21 0.14
C LEU A 383 -7.63 -6.52 0.05
N ALA A 384 -7.47 -7.19 1.19
CA ALA A 384 -7.02 -8.57 1.17
C ALA A 384 -8.05 -9.46 0.45
N PRO A 385 -7.61 -10.49 -0.28
CA PRO A 385 -8.56 -11.40 -0.95
C PRO A 385 -9.49 -12.07 0.05
N GLY A 386 -9.00 -12.26 1.27
CA GLY A 386 -9.76 -12.93 2.32
C GLY A 386 -9.80 -14.44 2.12
N VAL A 387 -8.64 -15.04 1.92
CA VAL A 387 -8.56 -16.45 1.57
C VAL A 387 -7.79 -17.24 2.63
N TYR A 388 -6.82 -16.59 3.27
CA TYR A 388 -6.09 -17.25 4.35
C TYR A 388 -6.48 -16.70 5.71
N ARG A 389 -6.40 -17.56 6.72
CA ARG A 389 -6.61 -17.15 8.10
C ARG A 389 -5.45 -17.66 8.96
#